data_7M2P
#
_entry.id   7M2P
#
_cell.length_a   54.200
_cell.length_b   80.740
_cell.length_c   85.759
_cell.angle_alpha   90.000
_cell.angle_beta   97.120
_cell.angle_gamma   90.000
#
_symmetry.space_group_name_H-M   'I 1 2 1'
#
loop_
_entity.id
_entity.type
_entity.pdbx_description
1 polymer '3C-like proteinase'
2 polymer 'Inhibitor 18 in bound form'
3 water water
#
loop_
_entity_poly.entity_id
_entity_poly.type
_entity_poly.pdbx_seq_one_letter_code
_entity_poly.pdbx_strand_id
1 'polypeptide(L)'
;SGFRKMAFPSGKVEGCMVQVTCGTTTLNGLWLDDVVYCPRHVICTSEDMLNPNYEDLLIRKSNHNFLVQAGNVQLRVIGH
SMQNCVLKLKVDTANPKTPKYKFVRIQPGQTFSVLACYNGSPSGVYQCAMRPNFTIKGSFLNGSCGSVGFNIDYDCVSFC
YMHHMELPTGVHAGTDLEGNFYGPFVDRQTAQAAGTDTTITVNVLAWLYAAVINGDRWFLNRFTTTLNDFNLVAMKYNYE
PLTQDHVDILGPLSAQTGIAVLDMCASLKELLQNGMNGRTILGSALLEDEFTPFDVVRQ(CSO)SGVTFQ
;
A
2 'polypeptide(L)' (P6S)V(ALC)(YOP) B
#
loop_
_chem_comp.id
_chem_comp.type
_chem_comp.name
_chem_comp.formula
P6S non-polymer 'benzyl hydrogen carbonate' 'C8 H8 O3'
YOP non-polymer 3-[(2S)-2-amino-3-hydroxypropyl]pyridin-2(5H)-one 'C8 H12 N2 O2'
#
# COMPACT_ATOMS: atom_id res chain seq x y z
N SER A 1 11.22 22.22 8.50
CA SER A 1 10.58 22.18 7.21
C SER A 1 11.22 21.14 6.27
N GLY A 2 10.80 21.16 5.00
CA GLY A 2 11.08 20.08 4.07
C GLY A 2 9.95 19.08 4.05
N PHE A 3 9.89 18.31 2.97
CA PHE A 3 8.79 17.37 2.81
C PHE A 3 9.25 16.17 2.00
N ARG A 4 9.18 14.99 2.58
CA ARG A 4 9.74 13.79 1.96
C ARG A 4 8.66 12.72 1.87
N LYS A 5 8.81 11.76 0.94
CA LYS A 5 7.98 10.58 1.14
C LYS A 5 8.50 9.74 2.28
N MET A 6 7.76 9.82 3.36
CA MET A 6 8.19 9.33 4.65
C MET A 6 7.40 8.07 4.92
N ALA A 7 8.11 6.99 5.22
CA ALA A 7 7.51 5.73 5.60
C ALA A 7 7.41 5.67 7.12
N PHE A 8 6.51 4.80 7.60
CA PHE A 8 6.49 4.55 9.03
C PHE A 8 7.76 3.79 9.44
N PRO A 9 8.24 4.00 10.65
CA PRO A 9 9.30 3.16 11.20
C PRO A 9 8.87 1.70 11.11
N SER A 10 9.80 0.85 10.67
CA SER A 10 9.49 -0.52 10.27
C SER A 10 9.79 -1.57 11.34
N GLY A 11 10.35 -1.17 12.47
CA GLY A 11 10.82 -2.15 13.47
C GLY A 11 9.73 -3.10 13.93
N LYS A 12 8.53 -2.58 14.13
CA LYS A 12 7.46 -3.40 14.67
C LYS A 12 7.09 -4.52 13.71
N VAL A 13 7.22 -4.25 12.40
CA VAL A 13 6.91 -5.23 11.38
C VAL A 13 8.09 -6.15 11.11
N GLU A 14 9.33 -5.63 11.18
CA GLU A 14 10.50 -6.48 11.00
C GLU A 14 10.48 -7.66 11.96
N GLY A 15 10.01 -7.42 13.18
CA GLY A 15 10.00 -8.47 14.17
C GLY A 15 9.02 -9.56 13.87
N CYS A 16 8.22 -9.40 12.82
CA CYS A 16 7.19 -10.36 12.44
C CYS A 16 7.51 -11.13 11.17
N MET A 17 8.58 -10.79 10.46
CA MET A 17 8.81 -11.40 9.16
C MET A 17 9.49 -12.75 9.32
N VAL A 18 8.97 -13.74 8.64
CA VAL A 18 9.54 -15.06 8.59
C VAL A 18 9.60 -15.50 7.14
N GLN A 19 10.22 -16.65 6.94
CA GLN A 19 10.38 -17.26 5.64
C GLN A 19 9.52 -18.52 5.61
N VAL A 20 8.75 -18.70 4.55
CA VAL A 20 7.91 -19.88 4.38
C VAL A 20 8.33 -20.58 3.10
N THR A 21 8.62 -21.87 3.21
CA THR A 21 9.03 -22.66 2.05
C THR A 21 8.07 -23.83 1.89
N CYS A 22 7.61 -24.04 0.64
CA CYS A 22 6.77 -25.18 0.29
C CYS A 22 7.23 -25.66 -1.07
N GLY A 23 7.78 -26.86 -1.13
CA GLY A 23 8.35 -27.34 -2.38
C GLY A 23 9.58 -26.53 -2.73
N THR A 24 9.60 -26.02 -3.95
CA THR A 24 10.69 -25.17 -4.42
C THR A 24 10.38 -23.69 -4.28
N THR A 25 9.20 -23.34 -3.76
CA THR A 25 8.79 -21.95 -3.62
C THR A 25 9.16 -21.44 -2.24
N THR A 26 9.89 -20.34 -2.19
CA THR A 26 10.17 -19.64 -0.95
C THR A 26 9.66 -18.21 -1.05
N LEU A 27 9.00 -17.77 0.01
CA LEU A 27 8.44 -16.43 0.14
C LEU A 27 8.36 -16.08 1.63
N ASN A 28 7.80 -14.90 1.90
CA ASN A 28 7.75 -14.33 3.23
C ASN A 28 6.41 -14.58 3.91
N GLY A 29 6.45 -14.74 5.22
CA GLY A 29 5.24 -14.82 6.01
C GLY A 29 5.27 -13.77 7.11
N LEU A 30 4.08 -13.49 7.64
CA LEU A 30 3.89 -12.54 8.73
C LEU A 30 3.49 -13.31 9.99
N TRP A 31 4.35 -13.28 11.00
CA TRP A 31 4.21 -14.09 12.21
C TRP A 31 3.65 -13.21 13.32
N LEU A 32 2.40 -13.45 13.68
CA LEU A 32 1.70 -12.67 14.70
C LEU A 32 1.06 -13.67 15.65
N ASP A 33 1.42 -13.57 16.94
CA ASP A 33 1.00 -14.57 17.93
C ASP A 33 1.45 -15.92 17.39
N ASP A 34 0.61 -16.96 17.39
CA ASP A 34 1.05 -18.27 16.94
C ASP A 34 0.57 -18.60 15.52
N VAL A 35 0.46 -17.60 14.65
CA VAL A 35 -0.02 -17.79 13.29
C VAL A 35 0.95 -17.13 12.33
N VAL A 36 1.24 -17.80 11.22
CA VAL A 36 2.02 -17.20 10.15
C VAL A 36 1.10 -17.04 8.94
N TYR A 37 1.00 -15.80 8.45
CA TYR A 37 0.16 -15.43 7.32
C TYR A 37 1.04 -15.34 6.08
N CYS A 38 0.64 -15.99 4.99
CA CYS A 38 1.41 -15.87 3.76
C CYS A 38 0.49 -16.09 2.58
N PRO A 39 0.93 -15.76 1.36
CA PRO A 39 0.09 -15.99 0.20
C PRO A 39 -0.13 -17.48 -0.06
N ARG A 40 -1.38 -17.83 -0.40
CA ARG A 40 -1.67 -19.23 -0.61
C ARG A 40 -0.98 -19.78 -1.85
N HIS A 41 -0.53 -18.91 -2.78
CA HIS A 41 0.13 -19.52 -3.94
C HIS A 41 1.49 -20.10 -3.60
N VAL A 42 1.92 -20.03 -2.34
CA VAL A 42 3.12 -20.77 -1.92
C VAL A 42 2.96 -22.25 -2.16
N ILE A 43 1.73 -22.77 -2.09
CA ILE A 43 1.52 -24.21 -2.28
C ILE A 43 1.45 -24.60 -3.74
N CYS A 44 1.57 -23.64 -4.66
CA CYS A 44 1.52 -23.90 -6.09
C CYS A 44 2.83 -24.50 -6.59
N THR A 45 2.72 -25.32 -7.62
CA THR A 45 3.91 -25.79 -8.32
C THR A 45 4.07 -24.99 -9.62
N SER A 46 5.31 -24.93 -10.10
N SER A 46 5.31 -24.93 -10.10
CA SER A 46 5.67 -24.10 -11.25
CA SER A 46 5.65 -24.09 -11.25
C SER A 46 4.89 -24.49 -12.50
C SER A 46 4.88 -24.49 -12.51
N GLU A 47 4.05 -25.52 -12.39
CA GLU A 47 3.14 -25.92 -13.45
C GLU A 47 1.68 -25.87 -13.05
N ASP A 48 1.37 -25.72 -11.75
CA ASP A 48 0.01 -25.48 -11.28
C ASP A 48 -0.45 -24.04 -11.46
N MET A 49 0.42 -23.13 -11.87
CA MET A 49 0.11 -21.72 -11.71
C MET A 49 -0.90 -21.20 -12.72
N LEU A 50 -1.17 -21.94 -13.80
CA LEU A 50 -2.05 -21.40 -14.83
C LEU A 50 -3.50 -21.36 -14.37
N ASN A 51 -3.98 -22.41 -13.71
CA ASN A 51 -5.31 -22.32 -13.12
C ASN A 51 -5.43 -23.28 -11.95
N PRO A 52 -4.82 -22.96 -10.81
CA PRO A 52 -4.79 -23.89 -9.68
C PRO A 52 -6.13 -23.97 -8.96
N ASN A 53 -6.44 -25.17 -8.47
CA ASN A 53 -7.55 -25.33 -7.53
C ASN A 53 -6.92 -25.43 -6.15
N TYR A 54 -6.92 -24.32 -5.41
CA TYR A 54 -6.20 -24.28 -4.14
C TYR A 54 -6.82 -25.18 -3.09
N GLU A 55 -8.12 -25.42 -3.14
CA GLU A 55 -8.71 -26.33 -2.17
C GLU A 55 -8.13 -27.73 -2.32
N ASP A 56 -8.03 -28.23 -3.56
CA ASP A 56 -7.33 -29.49 -3.82
C ASP A 56 -5.89 -29.45 -3.38
N LEU A 57 -5.16 -28.45 -3.84
CA LEU A 57 -3.73 -28.40 -3.55
C LEU A 57 -3.50 -28.42 -2.06
N LEU A 58 -4.37 -27.72 -1.31
CA LEU A 58 -4.16 -27.60 0.12
C LEU A 58 -4.51 -28.88 0.86
N ILE A 59 -5.61 -29.53 0.49
CA ILE A 59 -5.98 -30.77 1.17
C ILE A 59 -4.89 -31.82 0.96
N ARG A 60 -4.06 -31.66 -0.08
CA ARG A 60 -3.00 -32.62 -0.34
C ARG A 60 -1.75 -32.35 0.48
N LYS A 61 -1.73 -31.28 1.23
CA LYS A 61 -0.59 -30.85 2.03
C LYS A 61 -0.61 -31.44 3.42
N SER A 62 0.59 -31.64 3.98
CA SER A 62 0.72 -31.93 5.41
C SER A 62 1.41 -30.76 6.09
N ASN A 63 1.19 -30.64 7.40
CA ASN A 63 1.88 -29.60 8.19
C ASN A 63 3.38 -29.60 7.94
N HIS A 64 3.99 -30.79 7.84
CA HIS A 64 5.44 -30.86 7.68
C HIS A 64 5.91 -30.44 6.29
N ASN A 65 4.99 -30.21 5.34
CA ASN A 65 5.39 -29.70 4.04
C ASN A 65 5.76 -28.23 4.08
N PHE A 66 5.37 -27.52 5.13
CA PHE A 66 5.61 -26.09 5.27
C PHE A 66 6.85 -25.88 6.13
N LEU A 67 7.89 -25.35 5.52
CA LEU A 67 9.12 -25.02 6.23
C LEU A 67 9.07 -23.54 6.59
N VAL A 68 8.89 -23.25 7.87
CA VAL A 68 8.80 -21.88 8.37
C VAL A 68 10.03 -21.60 9.21
N GLN A 69 10.76 -20.52 8.85
CA GLN A 69 11.98 -20.16 9.55
C GLN A 69 11.90 -18.70 9.98
N ALA A 70 12.17 -18.48 11.27
CA ALA A 70 12.23 -17.15 11.88
C ALA A 70 13.68 -16.94 12.28
N GLY A 71 14.41 -16.18 11.47
CA GLY A 71 15.86 -16.19 11.60
C GLY A 71 16.37 -17.58 11.30
N ASN A 72 17.30 -18.06 12.12
CA ASN A 72 17.70 -19.45 12.01
C ASN A 72 16.72 -20.39 12.70
N VAL A 73 15.95 -19.88 13.67
CA VAL A 73 15.07 -20.74 14.47
C VAL A 73 13.92 -21.22 13.60
N GLN A 74 13.77 -22.53 13.50
CA GLN A 74 12.71 -23.11 12.69
C GLN A 74 11.43 -23.25 13.50
N LEU A 75 10.29 -22.98 12.85
CA LEU A 75 8.99 -23.04 13.49
C LEU A 75 8.24 -24.27 12.99
N ARG A 76 7.90 -25.14 13.94
CA ARG A 76 6.92 -26.22 13.78
C ARG A 76 5.52 -25.73 13.43
N VAL A 77 5.02 -26.14 12.27
CA VAL A 77 3.63 -25.94 11.90
C VAL A 77 2.76 -27.01 12.54
N ILE A 78 1.73 -26.58 13.28
CA ILE A 78 0.84 -27.53 13.94
C ILE A 78 -0.56 -27.50 13.33
N GLY A 79 -0.74 -26.76 12.25
CA GLY A 79 -2.04 -26.66 11.63
C GLY A 79 -2.01 -25.66 10.50
N HIS A 80 -2.95 -25.76 9.58
CA HIS A 80 -2.96 -24.84 8.46
C HIS A 80 -4.41 -24.68 8.00
N SER A 81 -4.71 -23.50 7.48
CA SER A 81 -6.02 -23.24 6.92
C SER A 81 -5.88 -22.15 5.88
N MET A 82 -6.86 -22.11 4.99
CA MET A 82 -6.99 -21.12 3.94
C MET A 82 -8.08 -20.12 4.32
N GLN A 83 -7.77 -18.83 4.20
CA GLN A 83 -8.77 -17.77 4.30
C GLN A 83 -8.66 -16.93 3.03
N ASN A 84 -9.59 -17.10 2.10
CA ASN A 84 -9.55 -16.39 0.82
C ASN A 84 -8.21 -16.72 0.17
N CYS A 85 -7.38 -15.73 -0.15
CA CYS A 85 -6.12 -15.99 -0.82
C CYS A 85 -4.91 -16.00 0.12
N VAL A 86 -5.12 -16.04 1.44
CA VAL A 86 -4.01 -16.16 2.38
C VAL A 86 -4.04 -17.52 3.05
N LEU A 87 -2.86 -18.04 3.31
CA LEU A 87 -2.68 -19.26 4.06
C LEU A 87 -2.32 -18.90 5.50
N LYS A 88 -2.94 -19.59 6.45
CA LYS A 88 -2.69 -19.35 7.87
C LYS A 88 -2.09 -20.62 8.46
N LEU A 89 -0.81 -20.54 8.81
CA LEU A 89 -0.07 -21.69 9.34
C LEU A 89 -0.04 -21.51 10.85
N LYS A 90 -0.70 -22.37 11.59
CA LYS A 90 -0.56 -22.33 13.04
C LYS A 90 0.76 -22.96 13.45
N VAL A 91 1.52 -22.24 14.27
CA VAL A 91 2.81 -22.71 14.71
C VAL A 91 2.76 -22.90 16.22
N ASP A 92 3.71 -23.68 16.74
CA ASP A 92 3.65 -24.03 18.14
C ASP A 92 4.22 -22.94 19.04
N THR A 93 4.64 -21.81 18.49
CA THR A 93 5.30 -20.77 19.26
C THR A 93 4.68 -19.42 18.92
N ALA A 94 4.27 -18.68 19.95
CA ALA A 94 3.78 -17.32 19.74
C ALA A 94 4.96 -16.37 19.54
N ASN A 95 4.87 -15.52 18.54
CA ASN A 95 5.93 -14.56 18.29
C ASN A 95 6.03 -13.61 19.49
N PRO A 96 7.15 -13.61 20.22
CA PRO A 96 7.23 -12.71 21.38
C PRO A 96 7.37 -11.26 20.98
N LYS A 97 7.69 -10.99 19.72
CA LYS A 97 7.78 -9.65 19.20
C LYS A 97 6.48 -9.17 18.58
N THR A 98 5.36 -9.86 18.83
CA THR A 98 4.10 -9.48 18.21
C THR A 98 3.70 -8.07 18.69
N PRO A 99 3.51 -7.10 17.79
CA PRO A 99 3.05 -5.79 18.22
C PRO A 99 1.54 -5.78 18.39
N LYS A 100 1.06 -4.69 18.99
CA LYS A 100 -0.37 -4.38 18.93
C LYS A 100 -0.70 -4.20 17.45
N TYR A 101 -1.71 -4.93 16.97
CA TYR A 101 -1.95 -4.84 15.55
C TYR A 101 -3.43 -5.01 15.24
N LYS A 102 -3.77 -4.58 14.02
CA LYS A 102 -5.08 -4.84 13.45
C LYS A 102 -4.87 -5.18 11.99
N PHE A 103 -5.87 -5.82 11.39
CA PHE A 103 -5.94 -5.95 9.95
C PHE A 103 -7.00 -4.97 9.45
N VAL A 104 -6.66 -4.19 8.44
CA VAL A 104 -7.57 -3.21 7.84
C VAL A 104 -7.53 -3.34 6.34
N ARG A 105 -8.67 -3.24 5.72
CA ARG A 105 -8.77 -3.18 4.27
C ARG A 105 -8.93 -1.73 3.87
N ILE A 106 -7.96 -1.18 3.14
CA ILE A 106 -7.94 0.26 2.88
C ILE A 106 -8.72 0.57 1.61
N GLN A 107 -9.09 1.84 1.46
CA GLN A 107 -9.71 2.37 0.24
C GLN A 107 -8.64 2.83 -0.74
N PRO A 108 -8.96 2.85 -2.03
CA PRO A 108 -8.03 3.45 -2.99
C PRO A 108 -7.76 4.90 -2.62
N GLY A 109 -6.54 5.33 -2.89
CA GLY A 109 -6.08 6.65 -2.50
C GLY A 109 -5.38 6.69 -1.17
N GLN A 110 -5.64 5.72 -0.29
N GLN A 110 -5.56 5.66 -0.34
CA GLN A 110 -4.96 5.65 0.99
CA GLN A 110 -4.93 5.60 0.97
C GLN A 110 -3.52 5.21 0.77
C GLN A 110 -3.52 5.07 0.86
N THR A 111 -2.62 5.66 1.63
CA THR A 111 -1.21 5.36 1.54
C THR A 111 -0.81 4.37 2.62
N PHE A 112 0.35 3.76 2.43
CA PHE A 112 0.88 2.84 3.42
C PHE A 112 2.36 2.64 3.13
N SER A 113 3.06 2.13 4.13
CA SER A 113 4.46 1.80 4.01
C SER A 113 4.55 0.32 3.65
N VAL A 114 5.51 -0.01 2.81
CA VAL A 114 5.80 -1.40 2.43
C VAL A 114 7.15 -1.77 2.97
N LEU A 115 7.23 -2.87 3.71
CA LEU A 115 8.51 -3.44 4.11
C LEU A 115 8.84 -4.57 3.15
N ALA A 116 9.67 -4.27 2.15
CA ALA A 116 9.99 -5.28 1.14
C ALA A 116 10.98 -6.29 1.72
N CYS A 117 10.67 -7.58 1.53
CA CYS A 117 11.42 -8.65 2.16
C CYS A 117 11.73 -9.74 1.16
N TYR A 118 12.84 -10.44 1.39
CA TYR A 118 13.22 -11.63 0.64
C TYR A 118 13.72 -12.65 1.64
N ASN A 119 13.21 -13.88 1.54
CA ASN A 119 13.64 -14.98 2.41
C ASN A 119 13.46 -14.63 3.88
N GLY A 120 12.41 -13.88 4.17
CA GLY A 120 12.06 -13.49 5.52
C GLY A 120 12.89 -12.36 6.09
N SER A 121 13.75 -11.74 5.29
CA SER A 121 14.64 -10.68 5.75
C SER A 121 14.31 -9.37 5.03
N PRO A 122 14.19 -8.26 5.75
CA PRO A 122 13.81 -7.01 5.10
C PRO A 122 14.91 -6.48 4.21
N SER A 123 14.50 -5.95 3.05
CA SER A 123 15.40 -5.29 2.13
C SER A 123 15.31 -3.77 2.23
N GLY A 124 14.12 -3.23 2.50
CA GLY A 124 13.94 -1.79 2.60
C GLY A 124 12.49 -1.44 2.84
N VAL A 125 12.27 -0.16 3.11
CA VAL A 125 10.95 0.33 3.45
C VAL A 125 10.62 1.52 2.55
N TYR A 126 9.40 1.55 2.04
CA TYR A 126 9.03 2.69 1.22
C TYR A 126 7.54 2.93 1.33
N GLN A 127 7.15 4.15 0.99
CA GLN A 127 5.76 4.60 0.98
C GLN A 127 5.12 4.41 -0.39
N CYS A 128 3.83 4.03 -0.35
N CYS A 128 3.83 4.11 -0.39
CA CYS A 128 3.03 3.61 -1.49
CA CYS A 128 3.13 4.04 -1.66
C CYS A 128 1.63 4.21 -1.35
C CYS A 128 1.64 4.15 -1.38
N ALA A 129 0.86 4.20 -2.45
CA ALA A 129 -0.57 4.41 -2.38
C ALA A 129 -1.29 3.25 -3.05
N MET A 130 -2.46 2.91 -2.53
CA MET A 130 -3.39 2.08 -3.29
C MET A 130 -3.93 2.92 -4.44
N ARG A 131 -3.57 2.56 -5.67
CA ARG A 131 -4.04 3.33 -6.82
C ARG A 131 -5.54 3.17 -6.99
N PRO A 132 -6.19 4.13 -7.66
CA PRO A 132 -7.62 3.98 -7.92
C PRO A 132 -7.94 2.70 -8.67
N ASN A 133 -7.01 2.15 -9.46
CA ASN A 133 -7.28 0.90 -10.17
C ASN A 133 -6.86 -0.30 -9.34
N PHE A 134 -6.57 -0.09 -8.06
CA PHE A 134 -6.28 -1.15 -7.08
C PHE A 134 -5.01 -1.92 -7.38
N THR A 135 -4.09 -1.29 -8.08
CA THR A 135 -2.72 -1.76 -8.10
C THR A 135 -1.91 -0.88 -7.16
N ILE A 136 -0.72 -1.32 -6.85
CA ILE A 136 0.24 -0.44 -6.21
C ILE A 136 1.49 -0.36 -7.08
N LYS A 137 2.09 0.83 -7.12
CA LYS A 137 3.31 1.02 -7.89
C LYS A 137 4.44 0.75 -6.93
N GLY A 138 4.73 -0.54 -6.73
CA GLY A 138 5.71 -0.96 -5.75
C GLY A 138 7.09 -1.16 -6.36
N SER A 139 7.98 -1.69 -5.53
CA SER A 139 9.30 -2.15 -5.99
C SER A 139 9.45 -3.55 -5.45
N PHE A 140 9.17 -4.54 -6.28
CA PHE A 140 9.08 -5.93 -5.85
C PHE A 140 9.75 -6.81 -6.88
N LEU A 141 10.57 -7.75 -6.42
CA LEU A 141 11.17 -8.74 -7.27
C LEU A 141 10.64 -10.11 -6.89
N ASN A 142 10.94 -11.11 -7.70
CA ASN A 142 10.65 -12.48 -7.32
C ASN A 142 11.20 -12.77 -5.93
N GLY A 143 10.38 -13.44 -5.12
CA GLY A 143 10.69 -13.70 -3.73
C GLY A 143 10.12 -12.71 -2.75
N SER A 144 9.57 -11.59 -3.23
CA SER A 144 9.03 -10.59 -2.32
C SER A 144 7.60 -10.89 -1.88
N CYS A 145 6.95 -11.90 -2.47
CA CYS A 145 5.59 -12.21 -2.05
C CYS A 145 5.54 -12.43 -0.54
N GLY A 146 4.42 -12.02 0.06
CA GLY A 146 4.30 -12.08 1.51
C GLY A 146 4.82 -10.85 2.23
N SER A 147 5.58 -9.99 1.56
N SER A 147 5.59 -9.98 1.57
CA SER A 147 5.88 -8.68 2.14
CA SER A 147 5.90 -8.72 2.23
C SER A 147 4.58 -7.94 2.40
C SER A 147 4.62 -7.92 2.38
N VAL A 148 4.56 -7.11 3.45
CA VAL A 148 3.31 -6.48 3.85
C VAL A 148 3.42 -4.98 3.78
N GLY A 149 2.24 -4.36 3.64
CA GLY A 149 2.08 -2.92 3.74
C GLY A 149 1.30 -2.61 5.01
N PHE A 150 1.56 -1.45 5.59
CA PHE A 150 1.02 -1.16 6.90
C PHE A 150 1.01 0.33 7.17
N ASN A 151 0.19 0.74 8.13
CA ASN A 151 0.24 2.03 8.77
C ASN A 151 0.44 1.83 10.26
N ILE A 152 0.92 2.87 10.96
CA ILE A 152 1.04 2.81 12.40
C ILE A 152 0.19 3.94 12.97
N ASP A 153 -0.57 3.63 14.01
CA ASP A 153 -1.33 4.65 14.74
C ASP A 153 -0.95 4.51 16.21
N TYR A 154 -0.41 5.58 16.77
CA TYR A 154 0.42 5.55 17.98
C TYR A 154 1.15 4.22 18.15
N ASP A 155 0.52 3.25 18.80
CA ASP A 155 1.23 2.03 19.19
C ASP A 155 0.79 0.80 18.39
N CYS A 156 -0.07 0.98 17.39
CA CYS A 156 -0.77 -0.13 16.77
C CYS A 156 -0.44 -0.21 15.30
N VAL A 157 0.02 -1.37 14.84
CA VAL A 157 0.33 -1.57 13.43
C VAL A 157 -0.95 -2.03 12.75
N SER A 158 -1.43 -1.27 11.76
CA SER A 158 -2.57 -1.68 10.93
C SER A 158 -2.00 -2.25 9.63
N PHE A 159 -2.04 -3.57 9.50
CA PHE A 159 -1.58 -4.21 8.28
C PHE A 159 -2.68 -4.10 7.24
N CYS A 160 -2.35 -3.65 6.05
CA CYS A 160 -3.36 -3.49 5.01
C CYS A 160 -3.05 -4.14 3.68
N TYR A 161 -1.85 -4.65 3.48
CA TYR A 161 -1.49 -5.21 2.17
C TYR A 161 -0.56 -6.38 2.37
N MET A 162 -0.76 -7.43 1.59
CA MET A 162 0.25 -8.47 1.42
C MET A 162 0.46 -8.69 -0.06
N HIS A 163 1.73 -8.75 -0.46
CA HIS A 163 2.10 -8.79 -1.87
C HIS A 163 1.93 -10.19 -2.45
N HIS A 164 1.29 -10.28 -3.64
CA HIS A 164 1.11 -11.56 -4.34
C HIS A 164 1.72 -11.62 -5.74
N MET A 165 1.64 -10.56 -6.54
CA MET A 165 1.97 -10.77 -7.93
C MET A 165 2.30 -9.45 -8.63
N GLU A 166 2.97 -9.56 -9.77
CA GLU A 166 3.32 -8.40 -10.58
C GLU A 166 2.61 -8.51 -11.91
N LEU A 167 1.96 -7.42 -12.33
CA LEU A 167 1.21 -7.30 -13.56
C LEU A 167 2.13 -6.83 -14.68
N PRO A 168 1.74 -7.08 -15.95
CA PRO A 168 2.68 -6.86 -17.06
C PRO A 168 3.21 -5.44 -17.18
N THR A 169 2.51 -4.44 -16.65
CA THR A 169 3.02 -3.07 -16.70
C THR A 169 4.03 -2.77 -15.60
N GLY A 170 4.45 -3.76 -14.83
CA GLY A 170 5.38 -3.52 -13.75
C GLY A 170 4.77 -3.03 -12.46
N VAL A 171 3.45 -3.06 -12.33
CA VAL A 171 2.78 -2.67 -11.10
C VAL A 171 2.34 -3.93 -10.39
N HIS A 172 1.80 -3.79 -9.20
CA HIS A 172 1.73 -4.91 -8.29
C HIS A 172 0.33 -5.10 -7.76
N ALA A 173 -0.02 -6.35 -7.48
CA ALA A 173 -1.34 -6.70 -6.99
C ALA A 173 -1.19 -7.57 -5.75
N GLY A 174 -2.14 -7.44 -4.85
CA GLY A 174 -2.08 -8.18 -3.62
C GLY A 174 -3.41 -8.09 -2.89
N THR A 175 -3.41 -8.56 -1.65
CA THR A 175 -4.59 -8.74 -0.83
C THR A 175 -4.48 -7.93 0.44
N ASP A 176 -5.61 -7.81 1.13
CA ASP A 176 -5.56 -7.44 2.53
C ASP A 176 -5.03 -8.64 3.32
N LEU A 177 -4.90 -8.48 4.63
CA LEU A 177 -4.33 -9.56 5.44
C LEU A 177 -5.35 -10.67 5.71
N GLU A 178 -6.60 -10.48 5.32
CA GLU A 178 -7.53 -11.60 5.34
C GLU A 178 -7.67 -12.24 3.97
N GLY A 179 -6.77 -11.91 3.05
CA GLY A 179 -6.66 -12.66 1.81
C GLY A 179 -7.55 -12.21 0.68
N ASN A 180 -8.21 -11.06 0.79
CA ASN A 180 -9.08 -10.59 -0.29
C ASN A 180 -8.26 -9.67 -1.17
N PHE A 181 -8.16 -10.00 -2.46
CA PHE A 181 -7.44 -9.13 -3.37
C PHE A 181 -8.04 -7.72 -3.35
N TYR A 182 -7.17 -6.75 -3.51
CA TYR A 182 -7.59 -5.44 -3.93
C TYR A 182 -7.81 -5.48 -5.43
N GLY A 183 -8.95 -4.96 -5.90
CA GLY A 183 -9.27 -4.99 -7.31
C GLY A 183 -9.77 -6.33 -7.81
N PRO A 184 -9.89 -6.47 -9.12
CA PRO A 184 -10.51 -7.65 -9.74
C PRO A 184 -9.58 -8.84 -9.90
N PHE A 185 -8.37 -8.75 -9.36
CA PHE A 185 -7.34 -9.72 -9.69
C PHE A 185 -7.53 -11.02 -8.93
N VAL A 186 -6.99 -12.09 -9.52
CA VAL A 186 -7.06 -13.42 -8.96
C VAL A 186 -5.66 -14.03 -8.95
N ASP A 187 -5.41 -14.97 -8.03
CA ASP A 187 -4.06 -15.55 -7.95
C ASP A 187 -3.99 -16.75 -8.90
N ARG A 188 -4.02 -16.41 -10.18
CA ARG A 188 -3.91 -17.32 -11.30
C ARG A 188 -2.92 -16.67 -12.25
N GLN A 189 -2.03 -17.45 -12.83
CA GLN A 189 -0.97 -16.85 -13.62
C GLN A 189 -1.38 -16.84 -15.11
N THR A 190 -2.47 -16.09 -15.33
CA THR A 190 -3.09 -15.82 -16.62
C THR A 190 -3.23 -14.32 -16.82
N ALA A 191 -3.46 -13.92 -18.07
CA ALA A 191 -3.57 -12.50 -18.39
C ALA A 191 -4.74 -11.85 -17.68
N GLN A 192 -4.51 -10.66 -17.11
CA GLN A 192 -5.52 -9.95 -16.33
C GLN A 192 -5.54 -8.44 -16.60
N ALA A 193 -4.42 -7.77 -16.32
CA ALA A 193 -4.17 -6.35 -16.61
C ALA A 193 -4.95 -5.36 -15.75
N ALA A 194 -4.27 -4.34 -15.24
CA ALA A 194 -4.92 -3.29 -14.48
C ALA A 194 -5.89 -2.50 -15.36
N GLY A 195 -6.96 -2.02 -14.74
CA GLY A 195 -7.81 -1.04 -15.39
C GLY A 195 -7.08 0.30 -15.51
N THR A 196 -7.68 1.21 -16.27
CA THR A 196 -7.10 2.54 -16.44
C THR A 196 -6.97 3.25 -15.09
N ASP A 197 -5.79 3.74 -14.81
CA ASP A 197 -5.60 4.44 -13.54
C ASP A 197 -5.87 5.95 -13.70
N THR A 198 -6.12 6.58 -12.56
CA THR A 198 -6.42 8.00 -12.49
C THR A 198 -5.62 8.58 -11.34
N THR A 199 -5.58 9.91 -11.30
CA THR A 199 -4.80 10.63 -10.30
C THR A 199 -5.69 10.90 -9.09
N ILE A 200 -5.10 10.74 -7.89
CA ILE A 200 -5.86 10.88 -6.64
C ILE A 200 -5.92 12.36 -6.29
N THR A 201 -7.02 13.01 -6.68
CA THR A 201 -7.16 14.46 -6.60
C THR A 201 -7.03 14.99 -5.18
N VAL A 202 -7.73 14.35 -4.24
CA VAL A 202 -7.69 14.84 -2.86
C VAL A 202 -6.26 14.84 -2.35
N ASN A 203 -5.45 13.85 -2.77
CA ASN A 203 -4.06 13.78 -2.35
C ASN A 203 -3.21 14.86 -3.02
N VAL A 204 -3.44 15.14 -4.30
CA VAL A 204 -2.72 16.25 -4.94
C VAL A 204 -2.96 17.53 -4.19
N LEU A 205 -4.22 17.78 -3.80
CA LEU A 205 -4.55 19.00 -3.08
C LEU A 205 -3.86 19.03 -1.72
N ALA A 206 -3.81 17.89 -1.04
CA ALA A 206 -3.10 17.82 0.24
C ALA A 206 -1.64 18.19 0.07
N TRP A 207 -1.02 17.68 -1.00
CA TRP A 207 0.38 17.95 -1.26
C TRP A 207 0.59 19.42 -1.64
N LEU A 208 -0.37 20.02 -2.33
CA LEU A 208 -0.28 21.47 -2.57
C LEU A 208 -0.31 22.25 -1.27
N TYR A 209 -1.15 21.82 -0.31
CA TYR A 209 -1.12 22.44 1.02
C TYR A 209 0.21 22.18 1.72
N ALA A 210 0.74 20.96 1.61
CA ALA A 210 2.09 20.71 2.12
C ALA A 210 3.07 21.72 1.56
N ALA A 211 2.95 22.01 0.26
CA ALA A 211 3.88 22.95 -0.36
C ALA A 211 3.73 24.34 0.24
N VAL A 212 2.49 24.77 0.47
CA VAL A 212 2.27 26.09 1.06
C VAL A 212 2.85 26.14 2.47
N ILE A 213 2.57 25.08 3.26
CA ILE A 213 3.07 25.03 4.63
C ILE A 213 4.58 25.17 4.64
N ASN A 214 5.22 24.69 3.57
CA ASN A 214 6.68 24.70 3.44
C ASN A 214 7.21 25.88 2.64
N GLY A 215 6.36 26.81 2.24
CA GLY A 215 6.81 28.05 1.64
C GLY A 215 6.81 28.12 0.11
N ASP A 216 6.37 27.07 -0.59
CA ASP A 216 6.08 27.16 -2.01
C ASP A 216 4.68 27.76 -2.17
N ARG A 217 4.59 28.92 -2.81
CA ARG A 217 3.29 29.55 -3.03
C ARG A 217 3.08 29.97 -4.47
N TRP A 218 4.03 29.70 -5.37
CA TRP A 218 4.03 30.33 -6.68
C TRP A 218 2.82 29.95 -7.50
N PHE A 219 2.23 28.79 -7.22
CA PHE A 219 1.10 28.23 -7.94
C PHE A 219 -0.25 28.74 -7.44
N LEU A 220 -0.29 29.49 -6.34
CA LEU A 220 -1.55 30.04 -5.87
C LEU A 220 -2.07 31.09 -6.87
N ASN A 221 -3.36 31.39 -6.78
CA ASN A 221 -3.94 32.49 -7.57
C ASN A 221 -5.10 33.09 -6.80
N ARG A 222 -5.65 34.19 -7.34
CA ARG A 222 -6.81 34.86 -6.76
C ARG A 222 -8.12 34.24 -7.19
N PHE A 223 -8.08 33.26 -8.09
CA PHE A 223 -9.30 32.67 -8.58
C PHE A 223 -9.89 31.72 -7.56
N THR A 224 -11.17 31.45 -7.72
CA THR A 224 -11.78 30.31 -7.06
C THR A 224 -12.53 29.52 -8.11
N THR A 225 -13.17 28.44 -7.65
CA THR A 225 -13.96 27.60 -8.53
C THR A 225 -15.05 26.94 -7.72
N THR A 226 -16.12 26.56 -8.40
CA THR A 226 -17.06 25.69 -7.75
C THR A 226 -16.57 24.25 -7.84
N LEU A 227 -17.05 23.43 -6.91
CA LEU A 227 -16.66 22.03 -6.92
C LEU A 227 -17.10 21.37 -8.23
N ASN A 228 -18.32 21.70 -8.69
CA ASN A 228 -18.79 21.22 -9.98
C ASN A 228 -17.83 21.58 -11.11
N ASP A 229 -17.48 22.87 -11.20
CA ASP A 229 -16.62 23.31 -12.30
C ASP A 229 -15.22 22.73 -12.15
N PHE A 230 -14.76 22.53 -10.92
CA PHE A 230 -13.47 21.87 -10.75
C PHE A 230 -13.51 20.45 -11.30
N ASN A 231 -14.55 19.69 -10.95
CA ASN A 231 -14.60 18.30 -11.41
C ASN A 231 -14.75 18.19 -12.92
N LEU A 232 -15.35 19.18 -13.59
CA LEU A 232 -15.34 19.18 -15.05
C LEU A 232 -13.92 19.20 -15.59
N VAL A 233 -13.03 19.98 -14.99
CA VAL A 233 -11.66 20.01 -15.45
C VAL A 233 -10.93 18.74 -15.06
N ALA A 234 -11.15 18.26 -13.83
CA ALA A 234 -10.45 17.09 -13.32
C ALA A 234 -10.75 15.87 -14.17
N MET A 235 -12.03 15.66 -14.47
CA MET A 235 -12.44 14.58 -15.35
C MET A 235 -11.66 14.60 -16.65
N LYS A 236 -11.54 15.80 -17.25
CA LYS A 236 -10.81 15.97 -18.50
C LYS A 236 -9.36 15.51 -18.38
N TYR A 237 -8.79 15.58 -17.19
CA TYR A 237 -7.39 15.22 -17.03
C TYR A 237 -7.18 13.84 -16.36
N ASN A 238 -8.16 12.92 -16.41
CA ASN A 238 -8.16 11.71 -15.53
C ASN A 238 -7.58 11.93 -14.15
N TYR A 239 -8.20 12.89 -13.49
CA TYR A 239 -8.21 13.04 -12.05
C TYR A 239 -9.51 12.45 -11.50
N GLU A 240 -9.43 11.89 -10.32
CA GLU A 240 -10.61 11.39 -9.63
C GLU A 240 -11.54 12.54 -9.27
N PRO A 241 -12.84 12.31 -9.25
CA PRO A 241 -13.75 13.36 -8.79
C PRO A 241 -13.43 13.75 -7.36
N LEU A 242 -13.51 15.04 -7.07
CA LEU A 242 -13.43 15.53 -5.70
C LEU A 242 -14.82 15.54 -5.10
N THR A 243 -14.97 14.93 -3.94
CA THR A 243 -16.26 14.87 -3.26
C THR A 243 -16.31 15.94 -2.18
N GLN A 244 -17.52 16.21 -1.68
CA GLN A 244 -17.64 17.12 -0.56
C GLN A 244 -16.94 16.56 0.67
N ASP A 245 -16.90 15.23 0.78
CA ASP A 245 -16.21 14.60 1.90
C ASP A 245 -14.70 14.82 1.82
N HIS A 246 -14.15 14.75 0.61
CA HIS A 246 -12.76 15.16 0.38
C HIS A 246 -12.52 16.60 0.84
N VAL A 247 -13.39 17.52 0.41
CA VAL A 247 -13.29 18.92 0.84
C VAL A 247 -13.25 18.99 2.35
N ASP A 248 -14.14 18.25 3.01
CA ASP A 248 -14.18 18.24 4.47
C ASP A 248 -12.88 17.71 5.07
N ILE A 249 -12.33 16.63 4.48
CA ILE A 249 -11.06 16.10 4.95
C ILE A 249 -9.95 17.13 4.86
N LEU A 250 -10.00 17.96 3.83
CA LEU A 250 -9.00 19.00 3.62
C LEU A 250 -9.19 20.22 4.51
N GLY A 251 -10.16 20.18 5.42
CA GLY A 251 -10.47 21.30 6.28
C GLY A 251 -9.34 21.73 7.19
N PRO A 252 -8.76 20.79 7.95
CA PRO A 252 -7.62 21.17 8.81
C PRO A 252 -6.47 21.83 8.05
N LEU A 253 -6.07 21.29 6.91
CA LEU A 253 -5.03 21.91 6.10
C LEU A 253 -5.46 23.27 5.59
N SER A 254 -6.71 23.39 5.14
CA SER A 254 -7.24 24.67 4.69
C SER A 254 -7.21 25.70 5.81
N ALA A 255 -7.58 25.29 7.03
CA ALA A 255 -7.57 26.22 8.15
C ALA A 255 -6.15 26.60 8.54
N GLN A 256 -5.21 25.66 8.50
CA GLN A 256 -3.85 25.99 8.91
C GLN A 256 -3.21 26.96 7.93
N THR A 257 -3.51 26.82 6.64
CA THR A 257 -2.90 27.67 5.63
C THR A 257 -3.71 28.90 5.28
N GLY A 258 -4.98 28.98 5.67
CA GLY A 258 -5.79 30.12 5.28
C GLY A 258 -6.15 30.15 3.81
N ILE A 259 -6.09 29.01 3.14
CA ILE A 259 -6.44 28.91 1.73
C ILE A 259 -7.66 28.00 1.65
N ALA A 260 -8.81 28.57 1.28
CA ALA A 260 -10.03 27.79 1.16
C ALA A 260 -9.79 26.61 0.22
N VAL A 261 -10.38 25.46 0.57
CA VAL A 261 -10.21 24.26 -0.25
C VAL A 261 -10.52 24.59 -1.71
N LEU A 262 -11.60 25.32 -1.94
CA LEU A 262 -12.04 25.53 -3.30
C LEU A 262 -11.08 26.47 -4.03
N ASP A 263 -10.37 27.32 -3.28
CA ASP A 263 -9.34 28.15 -3.89
C ASP A 263 -8.14 27.31 -4.30
N MET A 264 -7.77 26.32 -3.49
CA MET A 264 -6.67 25.46 -3.87
C MET A 264 -7.07 24.64 -5.10
N CYS A 265 -8.37 24.36 -5.24
CA CYS A 265 -8.85 23.67 -6.44
C CYS A 265 -8.62 24.54 -7.68
N ALA A 266 -8.83 25.86 -7.54
CA ALA A 266 -8.59 26.74 -8.67
C ALA A 266 -7.11 26.82 -9.03
N SER A 267 -6.22 26.69 -8.03
CA SER A 267 -4.80 26.60 -8.34
C SER A 267 -4.47 25.32 -9.08
N LEU A 268 -5.04 24.19 -8.63
CA LEU A 268 -4.80 22.92 -9.30
C LEU A 268 -5.34 22.97 -10.72
N LYS A 269 -6.51 23.57 -10.91
CA LYS A 269 -7.08 23.73 -12.24
C LYS A 269 -6.10 24.42 -13.18
N GLU A 270 -5.55 25.56 -12.76
CA GLU A 270 -4.58 26.28 -13.60
C GLU A 270 -3.32 25.47 -13.80
N LEU A 271 -2.87 24.72 -12.79
CA LEU A 271 -1.72 23.84 -12.97
C LEU A 271 -2.01 22.76 -14.01
N LEU A 272 -3.21 22.19 -14.00
CA LEU A 272 -3.56 21.20 -15.01
C LEU A 272 -3.60 21.82 -16.40
N GLN A 273 -4.07 23.06 -16.49
CA GLN A 273 -4.34 23.65 -17.79
C GLN A 273 -3.09 24.28 -18.40
N ASN A 274 -2.18 24.79 -17.58
CA ASN A 274 -0.98 25.45 -18.05
C ASN A 274 0.30 24.68 -17.80
N GLY A 275 0.23 23.57 -17.07
CA GLY A 275 1.45 22.92 -16.68
C GLY A 275 2.19 23.75 -15.65
N MET A 276 3.45 23.39 -15.44
CA MET A 276 4.24 23.98 -14.38
C MET A 276 5.30 24.94 -14.90
N ASN A 277 5.52 24.99 -16.22
CA ASN A 277 6.38 26.00 -16.86
C ASN A 277 7.79 25.98 -16.30
N GLY A 278 8.36 24.77 -16.20
CA GLY A 278 9.71 24.62 -15.72
C GLY A 278 9.87 24.79 -14.23
N ARG A 279 8.77 24.92 -13.50
CA ARG A 279 8.82 25.14 -12.06
C ARG A 279 8.62 23.82 -11.34
N THR A 280 9.08 23.75 -10.10
CA THR A 280 8.87 22.56 -9.28
C THR A 280 8.05 22.90 -8.04
N ILE A 281 7.42 21.87 -7.50
CA ILE A 281 6.72 22.00 -6.23
C ILE A 281 7.27 20.91 -5.32
N LEU A 282 7.80 21.32 -4.16
CA LEU A 282 8.36 20.36 -3.21
C LEU A 282 9.34 19.39 -3.88
N GLY A 283 10.14 19.94 -4.79
CA GLY A 283 11.14 19.16 -5.48
C GLY A 283 10.61 18.22 -6.53
N SER A 284 9.36 18.38 -6.97
CA SER A 284 8.78 17.54 -8.01
C SER A 284 8.38 18.41 -9.21
N ALA A 285 8.53 17.87 -10.42
CA ALA A 285 8.06 18.52 -11.62
C ALA A 285 6.74 17.94 -12.10
N LEU A 286 6.17 17.02 -11.33
CA LEU A 286 4.84 16.46 -11.54
C LEU A 286 3.98 16.76 -10.32
N LEU A 287 2.67 16.67 -10.50
CA LEU A 287 1.76 16.81 -9.37
C LEU A 287 1.70 15.48 -8.63
N GLU A 288 2.13 15.48 -7.38
CA GLU A 288 2.29 14.27 -6.57
C GLU A 288 0.97 13.88 -5.92
N ASP A 289 0.61 12.59 -6.02
CA ASP A 289 -0.69 12.21 -5.45
C ASP A 289 -0.55 11.04 -4.47
N GLU A 290 0.64 10.75 -3.96
CA GLU A 290 0.75 9.69 -2.96
C GLU A 290 1.01 10.21 -1.54
N PHE A 291 0.45 11.39 -1.19
CA PHE A 291 0.34 11.85 0.20
C PHE A 291 -1.12 12.14 0.50
N THR A 292 -1.67 11.52 1.55
CA THR A 292 -3.03 11.85 1.96
C THR A 292 -3.01 13.14 2.76
N PRO A 293 -4.17 13.76 2.98
CA PRO A 293 -4.24 14.88 3.93
C PRO A 293 -3.64 14.52 5.28
N PHE A 294 -3.87 13.29 5.70
CA PHE A 294 -3.37 12.81 6.97
C PHE A 294 -1.86 12.72 6.96
N ASP A 295 -1.29 12.20 5.86
CA ASP A 295 0.17 12.16 5.71
C ASP A 295 0.78 13.54 5.83
N VAL A 296 0.14 14.55 5.23
CA VAL A 296 0.69 15.89 5.27
C VAL A 296 0.70 16.41 6.70
N VAL A 297 -0.42 16.23 7.41
CA VAL A 297 -0.52 16.70 8.79
C VAL A 297 0.50 16.00 9.68
N ARG A 298 0.64 14.68 9.54
CA ARG A 298 1.60 13.95 10.37
C ARG A 298 3.01 14.51 10.17
N GLN A 299 3.41 14.69 8.92
CA GLN A 299 4.77 15.05 8.63
C GLN A 299 5.04 16.51 8.98
N CSO A 300 4.04 17.37 8.77
CA CSO A 300 4.21 18.80 9.07
CB CSO A 300 3.34 19.64 8.11
SG CSO A 300 3.87 19.38 6.39
C CSO A 300 3.91 19.20 10.52
O CSO A 300 4.49 20.17 11.04
OD CSO A 300 2.69 19.94 5.20
N SER A 301 3.49 18.26 11.38
CA SER A 301 3.30 18.55 12.80
C SER A 301 4.16 17.66 13.70
N GLY A 302 4.80 16.65 13.12
CA GLY A 302 5.75 15.84 13.87
C GLY A 302 5.13 14.77 14.74
N VAL A 303 4.05 14.13 14.27
CA VAL A 303 3.42 13.06 15.02
C VAL A 303 4.38 11.87 15.13
N THR A 304 4.51 11.33 16.34
CA THR A 304 5.35 10.17 16.59
C THR A 304 4.49 8.98 16.97
N PHE A 305 5.16 7.83 17.12
CA PHE A 305 4.53 6.56 17.46
C PHE A 305 5.42 5.83 18.46
N GLN A 306 4.86 4.81 19.09
CA GLN A 306 5.63 3.81 19.84
C GLN A 306 4.70 2.74 20.42
C21 P6S B 1 -0.92 -12.13 -14.41
C22 P6S B 1 -0.47 -12.34 -15.85
C24 P6S B 1 0.37 -13.77 -17.62
C26 P6S B 1 -0.09 -11.46 -18.07
C19 P6S B 1 1.25 -12.68 -13.32
C23 P6S B 1 -0.05 -13.59 -16.29
C25 P6S B 1 0.35 -12.70 -18.50
C27 P6S B 1 -0.49 -11.27 -16.74
O20 P6S B 1 0.16 -11.75 -13.56
O28 P6S B 1 1.09 -13.85 -13.61
N VAL B 2 2.39 -12.23 -12.81
CA VAL B 2 3.49 -13.11 -12.50
C VAL B 2 3.56 -13.25 -11.01
N ALC B 3 3.55 -14.49 -10.51
CA ALC B 3 3.63 -14.75 -9.09
C ALC B 3 4.99 -14.36 -8.56
O ALC B 3 6.00 -14.80 -9.08
CB ALC B 3 3.42 -16.25 -8.86
CG ALC B 3 1.98 -16.64 -8.49
CD2 ALC B 3 0.94 -15.93 -9.35
CE2 ALC B 3 -0.50 -16.35 -9.03
CZ ALC B 3 -0.63 -17.82 -8.65
CE1 ALC B 3 0.53 -18.65 -9.19
CD1 ALC B 3 1.86 -18.16 -8.58
CA YOP B 4 6.27 -13.23 -6.83
CB YOP B 4 6.40 -11.71 -6.79
C YOP B 4 6.19 -13.82 -5.41
CG YOP B 4 7.09 -11.16 -8.02
CD1 YOP B 4 7.65 -11.94 -9.00
CE1 YOP B 4 8.28 -11.33 -10.10
CF YOP B 4 8.35 -9.95 -10.19
CD2 YOP B 4 7.21 -9.69 -8.17
N YOP B 4 5.02 -13.53 -7.53
NE2 YOP B 4 7.82 -9.16 -9.23
OD2 YOP B 4 6.70 -8.98 -7.30
O YOP B 4 7.38 -13.65 -4.63
#